data_1GHE
#
_entry.id   1GHE
#
_cell.length_a   101.76
_cell.length_b   45.70
_cell.length_c   84.24
_cell.angle_alpha   90.00
_cell.angle_beta   105.79
_cell.angle_gamma   90.00
#
_symmetry.space_group_name_H-M   'C 1 2 1'
#
loop_
_entity.id
_entity.type
_entity.pdbx_description
1 polymer ACETYLTRANSFERASE
2 non-polymer 'ACETYL COENZYME *A'
3 water water
#
_entity_poly.entity_id   1
_entity_poly.type   'polypeptide(L)'
_entity_poly.pdbx_seq_one_letter_code
;(MSE)NHAQLRRVTAESFAHYRHGLAQLLFETVHGGASVGF(MSE)ADLD(MSE)QQAYAWCDGLKADIAAGSLLLWVVA
EDDNVLASAQLSLCQKPNGLNRAEVQKL(MSE)VLPSARGRGLGRQL(MSE)DEVEQVAVKHKRGLLHLDTEAGSVAEAF
YSALAYTRVGELPGYCATPDGRLHPTAIYFKTLGQPT
;
_entity_poly.pdbx_strand_id   A,B
#
loop_
_chem_comp.id
_chem_comp.type
_chem_comp.name
_chem_comp.formula
ACO non-polymer 'ACETYL COENZYME *A' 'C23 H38 N7 O17 P3 S'
#
# COMPACT_ATOMS: atom_id res chain seq x y z
N ALA A 4 -11.91 -17.95 3.68
CA ALA A 4 -12.48 -17.17 2.53
C ALA A 4 -12.68 -18.05 1.32
N GLN A 5 -13.73 -17.81 0.56
CA GLN A 5 -14.00 -18.61 -0.62
C GLN A 5 -14.29 -17.67 -1.76
N LEU A 6 -13.89 -18.07 -2.95
CA LEU A 6 -14.15 -17.30 -4.17
C LEU A 6 -15.57 -17.71 -4.55
N ARG A 7 -16.45 -16.74 -4.76
CA ARG A 7 -17.84 -17.01 -5.11
C ARG A 7 -18.34 -16.12 -6.24
N ARG A 8 -19.08 -16.70 -7.18
CA ARG A 8 -19.68 -15.86 -8.22
C ARG A 8 -21.01 -15.40 -7.64
N VAL A 9 -21.26 -14.11 -7.70
CA VAL A 9 -22.49 -13.56 -7.15
C VAL A 9 -23.63 -13.72 -8.13
N THR A 10 -24.82 -14.01 -7.60
CA THR A 10 -26.01 -14.19 -8.42
C THR A 10 -27.11 -13.26 -7.91
N ALA A 11 -28.22 -13.19 -8.62
CA ALA A 11 -29.33 -12.33 -8.17
C ALA A 11 -29.76 -12.72 -6.76
N GLU A 12 -29.74 -14.02 -6.47
CA GLU A 12 -30.16 -14.49 -5.17
C GLU A 12 -29.19 -14.24 -4.02
N SER A 13 -27.89 -14.22 -4.32
CA SER A 13 -26.92 -13.97 -3.25
C SER A 13 -26.48 -12.52 -3.19
N PHE A 14 -26.96 -11.70 -4.11
CA PHE A 14 -26.56 -10.30 -4.13
C PHE A 14 -26.80 -9.57 -2.81
N ALA A 15 -27.99 -9.72 -2.25
CA ALA A 15 -28.31 -9.03 -1.00
C ALA A 15 -27.34 -9.38 0.13
N HIS A 16 -26.91 -10.63 0.17
CA HIS A 16 -26.00 -11.10 1.20
C HIS A 16 -24.65 -10.37 1.15
N TYR A 17 -24.20 -10.07 -0.07
CA TYR A 17 -22.90 -9.43 -0.27
C TYR A 17 -22.92 -7.92 -0.49
N ARG A 18 -24.11 -7.35 -0.64
CA ARG A 18 -24.28 -5.92 -0.88
C ARG A 18 -23.51 -5.02 0.06
N HIS A 19 -23.66 -5.23 1.36
CA HIS A 19 -22.97 -4.39 2.31
C HIS A 19 -21.46 -4.51 2.21
N GLY A 20 -20.98 -5.76 2.12
CA GLY A 20 -19.54 -5.98 2.01
C GLY A 20 -18.98 -5.39 0.73
N LEU A 21 -19.72 -5.47 -0.36
CA LEU A 21 -19.22 -4.89 -1.61
C LEU A 21 -19.17 -3.36 -1.50
N ALA A 22 -20.20 -2.76 -0.90
CA ALA A 22 -20.25 -1.30 -0.72
C ALA A 22 -19.08 -0.87 0.15
N GLN A 23 -18.84 -1.59 1.23
CA GLN A 23 -17.73 -1.26 2.11
C GLN A 23 -16.40 -1.39 1.40
N LEU A 24 -16.31 -2.36 0.50
CA LEU A 24 -15.08 -2.59 -0.25
C LEU A 24 -14.78 -1.40 -1.16
N LEU A 25 -15.81 -0.91 -1.86
CA LEU A 25 -15.65 0.26 -2.71
C LEU A 25 -15.23 1.44 -1.82
N PHE A 26 -15.94 1.62 -0.72
CA PHE A 26 -15.67 2.71 0.22
C PHE A 26 -14.21 2.72 0.68
N GLU A 27 -13.76 1.58 1.19
CA GLU A 27 -12.39 1.51 1.66
C GLU A 27 -11.34 1.64 0.57
N THR A 28 -11.67 1.16 -0.64
CA THR A 28 -10.74 1.22 -1.74
C THR A 28 -10.60 2.68 -2.20
N VAL A 29 -11.72 3.40 -2.26
CA VAL A 29 -11.70 4.81 -2.69
C VAL A 29 -10.96 5.65 -1.66
N HIS A 30 -11.27 5.45 -0.38
CA HIS A 30 -10.60 6.23 0.64
C HIS A 30 -9.17 5.79 0.90
N GLY A 31 -8.79 4.67 0.30
CA GLY A 31 -7.43 4.18 0.39
C GLY A 31 -6.63 4.85 -0.70
N GLY A 32 -7.31 5.66 -1.50
CA GLY A 32 -6.67 6.42 -2.57
C GLY A 32 -6.73 5.92 -4.01
N ALA A 33 -7.42 4.80 -4.25
CA ALA A 33 -7.48 4.24 -5.59
C ALA A 33 -8.44 4.97 -6.50
N SER A 34 -8.15 4.94 -7.80
CA SER A 34 -9.03 5.56 -8.78
C SER A 34 -9.92 4.46 -9.33
N VAL A 35 -11.12 4.35 -8.77
CA VAL A 35 -12.06 3.34 -9.23
C VAL A 35 -13.42 3.94 -9.56
N GLY A 36 -13.41 5.18 -10.03
CA GLY A 36 -14.63 5.83 -10.44
C GLY A 36 -15.27 6.85 -9.53
N PHE A 37 -14.68 7.07 -8.36
CA PHE A 37 -15.27 7.99 -7.40
C PHE A 37 -14.27 8.98 -6.79
N MSE A 38 -14.82 10.00 -6.14
CA MSE A 38 -14.01 11.02 -5.51
C MSE A 38 -14.03 10.85 -3.98
O MSE A 38 -14.75 10.00 -3.47
CB MSE A 38 -14.56 12.39 -5.91
CG MSE A 38 -14.53 12.61 -7.40
SE MSE A 38 -12.70 12.78 -8.03
CE MSE A 38 -12.64 14.72 -8.08
N ALA A 39 -13.25 11.66 -3.28
CA ALA A 39 -13.17 11.58 -1.83
C ALA A 39 -14.47 11.93 -1.10
N ASP A 40 -15.47 12.41 -1.82
CA ASP A 40 -16.74 12.76 -1.19
C ASP A 40 -17.62 11.52 -1.05
N LEU A 41 -17.15 10.39 -1.55
CA LEU A 41 -17.90 9.14 -1.48
C LEU A 41 -18.32 8.73 -0.06
N ASP A 42 -19.62 8.50 0.12
CA ASP A 42 -20.14 8.05 1.41
C ASP A 42 -20.79 6.71 1.17
N MSE A 43 -21.21 6.04 2.24
CA MSE A 43 -21.82 4.72 2.06
C MSE A 43 -23.13 4.75 1.27
O MSE A 43 -23.48 3.78 0.62
CB MSE A 43 -22.04 4.05 3.41
CG MSE A 43 -20.76 3.54 4.04
SE MSE A 43 -19.93 2.11 3.01
CE MSE A 43 -21.36 0.82 3.15
N GLN A 44 -23.86 5.86 1.32
CA GLN A 44 -25.11 5.91 0.57
C GLN A 44 -24.78 5.83 -0.93
N GLN A 45 -23.72 6.51 -1.33
CA GLN A 45 -23.27 6.51 -2.71
C GLN A 45 -22.75 5.12 -3.07
N ALA A 46 -22.02 4.49 -2.14
CA ALA A 46 -21.49 3.15 -2.42
C ALA A 46 -22.64 2.14 -2.57
N TYR A 47 -23.70 2.27 -1.76
CA TYR A 47 -24.84 1.35 -1.89
C TYR A 47 -25.53 1.57 -3.23
N ALA A 48 -25.60 2.82 -3.66
CA ALA A 48 -26.24 3.15 -4.93
C ALA A 48 -25.46 2.50 -6.08
N TRP A 49 -24.14 2.51 -5.99
CA TRP A 49 -23.30 1.89 -7.00
C TRP A 49 -23.60 0.39 -7.02
N CYS A 50 -23.70 -0.22 -5.84
CA CYS A 50 -23.99 -1.64 -5.75
C CYS A 50 -25.32 -1.98 -6.37
N ASP A 51 -26.34 -1.23 -5.99
CA ASP A 51 -27.65 -1.51 -6.50
C ASP A 51 -27.68 -1.36 -8.01
N GLY A 52 -26.83 -0.49 -8.54
CA GLY A 52 -26.77 -0.30 -9.98
C GLY A 52 -26.23 -1.50 -10.74
N LEU A 53 -25.65 -2.46 -10.03
CA LEU A 53 -25.09 -3.64 -10.69
C LEU A 53 -26.09 -4.78 -10.80
N LYS A 54 -27.11 -4.74 -9.97
CA LYS A 54 -28.05 -5.83 -9.88
C LYS A 54 -28.74 -6.31 -11.15
N ALA A 55 -29.24 -5.38 -11.96
CA ALA A 55 -29.95 -5.79 -13.17
C ALA A 55 -29.04 -6.51 -14.14
N ASP A 56 -27.85 -5.96 -14.34
CA ASP A 56 -26.91 -6.56 -15.27
C ASP A 56 -26.39 -7.91 -14.80
N ILE A 57 -26.25 -8.07 -13.49
CA ILE A 57 -25.80 -9.35 -12.91
C ILE A 57 -26.86 -10.43 -13.19
N ALA A 58 -28.12 -10.09 -13.00
CA ALA A 58 -29.21 -11.04 -13.22
C ALA A 58 -29.36 -11.40 -14.69
N ALA A 59 -29.07 -10.43 -15.55
CA ALA A 59 -29.18 -10.60 -17.00
C ALA A 59 -28.01 -11.41 -17.52
N GLY A 60 -26.91 -11.34 -16.80
CA GLY A 60 -25.74 -12.10 -17.21
C GLY A 60 -24.79 -11.35 -18.12
N SER A 61 -24.98 -10.04 -18.28
CA SER A 61 -24.09 -9.24 -19.12
C SER A 61 -22.93 -8.73 -18.28
N LEU A 62 -23.13 -8.69 -16.97
CA LEU A 62 -22.09 -8.31 -16.04
C LEU A 62 -21.89 -9.50 -15.09
N LEU A 63 -20.65 -9.93 -14.95
CA LEU A 63 -20.34 -11.03 -14.05
C LEU A 63 -19.64 -10.46 -12.83
N LEU A 64 -20.00 -10.92 -11.64
CA LEU A 64 -19.40 -10.38 -10.43
C LEU A 64 -18.95 -11.49 -9.51
N TRP A 65 -17.73 -11.37 -8.97
CA TRP A 65 -17.23 -12.38 -8.04
C TRP A 65 -16.76 -11.68 -6.81
N VAL A 66 -16.80 -12.40 -5.69
CA VAL A 66 -16.23 -11.86 -4.45
C VAL A 66 -15.40 -12.96 -3.83
N VAL A 67 -14.47 -12.57 -2.96
CA VAL A 67 -13.75 -13.55 -2.15
C VAL A 67 -14.35 -13.12 -0.83
N ALA A 68 -15.06 -14.03 -0.16
CA ALA A 68 -15.73 -13.68 1.08
C ALA A 68 -15.67 -14.76 2.13
N GLU A 69 -15.73 -14.31 3.38
CA GLU A 69 -15.78 -15.19 4.53
C GLU A 69 -17.18 -14.86 5.01
N ASP A 70 -18.13 -15.74 4.68
CA ASP A 70 -19.52 -15.49 5.02
C ASP A 70 -19.93 -14.21 4.26
N ASP A 71 -20.40 -13.20 4.98
CA ASP A 71 -20.81 -11.94 4.38
C ASP A 71 -19.70 -10.90 4.33
N ASN A 72 -18.54 -11.24 4.89
CA ASN A 72 -17.40 -10.32 4.92
C ASN A 72 -16.70 -10.40 3.56
N VAL A 73 -16.88 -9.38 2.75
CA VAL A 73 -16.26 -9.34 1.42
C VAL A 73 -14.85 -8.78 1.43
N LEU A 74 -13.86 -9.63 1.13
CA LEU A 74 -12.45 -9.21 1.15
C LEU A 74 -11.98 -8.67 -0.17
N ALA A 75 -12.62 -9.07 -1.26
CA ALA A 75 -12.19 -8.62 -2.57
C ALA A 75 -13.28 -8.91 -3.58
N SER A 76 -13.20 -8.26 -4.73
CA SER A 76 -14.20 -8.46 -5.76
C SER A 76 -13.62 -8.11 -7.13
N ALA A 77 -14.24 -8.62 -8.18
CA ALA A 77 -13.83 -8.30 -9.56
C ALA A 77 -15.08 -8.44 -10.40
N GLN A 78 -15.09 -7.77 -11.55
CA GLN A 78 -16.23 -7.81 -12.44
C GLN A 78 -15.72 -7.98 -13.86
N LEU A 79 -16.53 -8.65 -14.66
CA LEU A 79 -16.24 -8.83 -16.07
C LEU A 79 -17.47 -8.36 -16.83
N SER A 80 -17.29 -7.34 -17.65
CA SER A 80 -18.39 -6.78 -18.44
C SER A 80 -18.31 -7.34 -19.86
N LEU A 81 -19.29 -8.18 -20.20
CA LEU A 81 -19.31 -8.80 -21.52
C LEU A 81 -19.81 -7.82 -22.57
N CYS A 82 -19.06 -7.59 -23.64
CA CYS A 82 -19.53 -6.66 -24.66
C CYS A 82 -20.77 -7.28 -25.30
N GLN A 83 -21.80 -6.45 -25.48
CA GLN A 83 -23.07 -6.90 -26.04
C GLN A 83 -23.26 -6.41 -27.47
N LYS A 84 -22.30 -5.63 -27.97
CA LYS A 84 -22.41 -5.13 -29.35
C LYS A 84 -22.31 -6.27 -30.35
N PRO A 85 -23.13 -6.23 -31.40
CA PRO A 85 -23.10 -7.30 -32.41
C PRO A 85 -21.73 -7.71 -32.92
N ASN A 86 -20.82 -6.76 -33.07
CA ASN A 86 -19.48 -7.11 -33.56
C ASN A 86 -18.43 -7.19 -32.46
N GLY A 87 -18.87 -7.13 -31.21
CA GLY A 87 -17.92 -7.19 -30.12
C GLY A 87 -18.05 -8.44 -29.27
N LEU A 88 -18.65 -9.51 -29.79
CA LEU A 88 -18.80 -10.70 -28.97
C LEU A 88 -17.48 -11.41 -28.61
N ASN A 89 -16.35 -10.97 -29.18
CA ASN A 89 -15.09 -11.60 -28.83
C ASN A 89 -14.44 -10.93 -27.61
N ARG A 90 -14.95 -9.78 -27.21
CA ARG A 90 -14.31 -9.05 -26.12
C ARG A 90 -15.07 -8.84 -24.81
N ALA A 91 -14.32 -8.60 -23.74
CA ALA A 91 -14.92 -8.33 -22.45
C ALA A 91 -14.00 -7.38 -21.70
N GLU A 92 -14.56 -6.52 -20.85
CA GLU A 92 -13.76 -5.57 -20.09
C GLU A 92 -13.68 -5.99 -18.63
N VAL A 93 -12.48 -5.97 -18.07
CA VAL A 93 -12.33 -6.32 -16.66
C VAL A 93 -12.48 -5.01 -15.92
N GLN A 94 -13.25 -5.00 -14.84
CA GLN A 94 -13.40 -3.77 -14.09
C GLN A 94 -13.64 -4.03 -12.61
N LYS A 95 -13.40 -2.99 -11.82
CA LYS A 95 -13.63 -3.03 -10.39
C LYS A 95 -13.00 -4.19 -9.64
N LEU A 96 -11.75 -4.49 -9.99
CA LEU A 96 -10.99 -5.50 -9.26
C LEU A 96 -10.54 -4.71 -8.04
N MSE A 97 -10.96 -5.13 -6.86
CA MSE A 97 -10.59 -4.40 -5.68
C MSE A 97 -10.39 -5.36 -4.52
O MSE A 97 -11.16 -6.30 -4.36
CB MSE A 97 -11.69 -3.42 -5.28
CG MSE A 97 -12.07 -2.42 -6.38
SE MSE A 97 -13.53 -1.28 -5.77
CE MSE A 97 -14.93 -2.60 -5.69
N VAL A 98 -9.35 -5.12 -3.72
CA VAL A 98 -9.09 -5.95 -2.54
C VAL A 98 -9.02 -5.00 -1.36
N LEU A 99 -9.69 -5.33 -0.25
CA LEU A 99 -9.62 -4.46 0.93
C LEU A 99 -8.16 -4.14 1.26
N PRO A 100 -7.87 -2.88 1.62
CA PRO A 100 -6.48 -2.50 1.94
C PRO A 100 -5.79 -3.52 2.84
N SER A 101 -6.47 -3.93 3.91
CA SER A 101 -5.89 -4.88 4.86
C SER A 101 -5.81 -6.34 4.37
N ALA A 102 -6.42 -6.64 3.23
CA ALA A 102 -6.38 -8.01 2.71
C ALA A 102 -5.43 -8.11 1.53
N ARG A 103 -4.74 -7.02 1.19
CA ARG A 103 -3.81 -7.05 0.06
C ARG A 103 -2.50 -7.79 0.37
N GLY A 104 -1.83 -8.22 -0.71
CA GLY A 104 -0.56 -8.91 -0.57
C GLY A 104 -0.69 -10.36 -0.12
N ARG A 105 -1.86 -10.95 -0.36
CA ARG A 105 -2.16 -12.32 0.03
C ARG A 105 -2.61 -13.18 -1.14
N GLY A 106 -2.54 -12.63 -2.35
CA GLY A 106 -2.93 -13.38 -3.53
C GLY A 106 -4.41 -13.36 -3.91
N LEU A 107 -5.23 -12.56 -3.23
CA LEU A 107 -6.65 -12.51 -3.57
C LEU A 107 -6.91 -11.94 -4.98
N GLY A 108 -6.13 -10.92 -5.34
CA GLY A 108 -6.28 -10.31 -6.65
C GLY A 108 -6.02 -11.35 -7.74
N ARG A 109 -4.97 -12.12 -7.55
CA ARG A 109 -4.62 -13.14 -8.55
C ARG A 109 -5.69 -14.20 -8.62
N GLN A 110 -6.20 -14.60 -7.46
CA GLN A 110 -7.25 -15.60 -7.42
C GLN A 110 -8.47 -15.15 -8.24
N LEU A 111 -8.86 -13.90 -8.05
CA LEU A 111 -9.99 -13.35 -8.79
C LEU A 111 -9.72 -13.29 -10.30
N MSE A 112 -8.56 -12.77 -10.69
CA MSE A 112 -8.26 -12.66 -12.12
C MSE A 112 -8.15 -14.01 -12.79
O MSE A 112 -8.47 -14.11 -13.98
CB MSE A 112 -6.99 -11.83 -12.34
CG MSE A 112 -7.13 -10.35 -11.98
SE MSE A 112 -8.63 -9.50 -12.91
CE MSE A 112 -8.25 -10.13 -14.67
N ASP A 113 -7.69 -15.04 -12.08
CA ASP A 113 -7.61 -16.36 -12.69
C ASP A 113 -9.02 -16.83 -13.00
N GLU A 114 -9.97 -16.53 -12.12
CA GLU A 114 -11.34 -16.99 -12.35
C GLU A 114 -11.96 -16.19 -13.47
N VAL A 115 -11.71 -14.87 -13.47
CA VAL A 115 -12.23 -14.00 -14.52
C VAL A 115 -11.77 -14.52 -15.89
N GLU A 116 -10.50 -14.92 -16.00
CA GLU A 116 -10.00 -15.38 -17.29
C GLU A 116 -10.65 -16.68 -17.69
N GLN A 117 -10.79 -17.58 -16.73
CA GLN A 117 -11.37 -18.87 -17.04
C GLN A 117 -12.80 -18.71 -17.51
N VAL A 118 -13.56 -17.86 -16.84
CA VAL A 118 -14.96 -17.70 -17.21
C VAL A 118 -15.12 -16.90 -18.51
N ALA A 119 -14.18 -16.00 -18.80
CA ALA A 119 -14.26 -15.22 -20.06
C ALA A 119 -14.16 -16.19 -21.23
N VAL A 120 -13.29 -17.20 -21.08
CA VAL A 120 -13.12 -18.24 -22.11
C VAL A 120 -14.42 -19.03 -22.27
N LYS A 121 -15.06 -19.40 -21.17
CA LYS A 121 -16.33 -20.12 -21.24
C LYS A 121 -17.37 -19.30 -21.98
N HIS A 122 -17.21 -17.96 -21.95
CA HIS A 122 -18.13 -17.09 -22.66
C HIS A 122 -17.59 -16.71 -24.03
N LYS A 123 -16.63 -17.51 -24.48
CA LYS A 123 -16.02 -17.34 -25.80
C LYS A 123 -15.44 -15.96 -26.07
N ARG A 124 -14.82 -15.38 -25.06
CA ARG A 124 -14.20 -14.08 -25.23
C ARG A 124 -12.68 -14.27 -25.39
N GLY A 125 -12.16 -13.92 -26.55
CA GLY A 125 -10.75 -14.05 -26.81
C GLY A 125 -9.94 -12.84 -26.38
N LEU A 126 -10.61 -11.71 -26.13
CA LEU A 126 -9.86 -10.53 -25.72
C LEU A 126 -10.40 -9.97 -24.42
N LEU A 127 -9.52 -9.80 -23.45
CA LEU A 127 -9.89 -9.16 -22.18
C LEU A 127 -9.13 -7.86 -22.19
N HIS A 128 -9.78 -6.74 -21.89
CA HIS A 128 -9.03 -5.48 -21.84
C HIS A 128 -9.46 -4.70 -20.63
N LEU A 129 -8.67 -3.72 -20.24
CA LEU A 129 -8.97 -2.94 -19.06
C LEU A 129 -8.13 -1.68 -19.06
N ASP A 130 -8.43 -0.77 -18.16
CA ASP A 130 -7.56 0.40 -18.03
C ASP A 130 -7.39 0.65 -16.55
N THR A 131 -6.21 1.11 -16.16
CA THR A 131 -5.94 1.34 -14.76
C THR A 131 -5.03 2.54 -14.59
N GLU A 132 -5.11 3.19 -13.43
CA GLU A 132 -4.27 4.37 -13.17
C GLU A 132 -2.81 4.10 -13.47
N ALA A 133 -2.21 4.93 -14.34
CA ALA A 133 -0.81 4.74 -14.70
C ALA A 133 0.10 4.95 -13.49
N GLY A 134 1.03 4.03 -13.30
CA GLY A 134 1.97 4.14 -12.20
C GLY A 134 1.45 3.54 -10.90
N SER A 135 0.19 3.13 -10.89
CA SER A 135 -0.38 2.55 -9.67
C SER A 135 0.08 1.12 -9.41
N VAL A 136 -0.24 0.63 -8.21
CA VAL A 136 0.09 -0.73 -7.85
C VAL A 136 -0.60 -1.67 -8.84
N ALA A 137 -1.80 -1.32 -9.27
CA ALA A 137 -2.52 -2.17 -10.21
C ALA A 137 -1.69 -2.39 -11.48
N GLU A 138 -0.91 -1.41 -11.90
CA GLU A 138 -0.09 -1.61 -13.09
C GLU A 138 0.93 -2.71 -12.87
N ALA A 139 1.57 -2.72 -11.70
CA ALA A 139 2.55 -3.75 -11.41
C ALA A 139 1.84 -5.10 -11.30
N PHE A 140 0.63 -5.09 -10.75
CA PHE A 140 -0.17 -6.32 -10.61
C PHE A 140 -0.54 -6.91 -11.98
N TYR A 141 -1.11 -6.11 -12.88
CA TYR A 141 -1.47 -6.66 -14.18
C TYR A 141 -0.26 -7.08 -14.98
N SER A 142 0.86 -6.35 -14.87
CA SER A 142 2.07 -6.74 -15.59
C SER A 142 2.54 -8.08 -15.06
N ALA A 143 2.50 -8.24 -13.75
CA ALA A 143 2.93 -9.49 -13.12
C ALA A 143 2.07 -10.66 -13.59
N LEU A 144 0.79 -10.38 -13.91
CA LEU A 144 -0.14 -11.41 -14.37
C LEU A 144 -0.12 -11.62 -15.89
N ALA A 145 0.92 -11.08 -16.52
CA ALA A 145 1.11 -11.21 -17.95
C ALA A 145 0.15 -10.48 -18.87
N TYR A 146 -0.41 -9.37 -18.41
CA TYR A 146 -1.24 -8.55 -19.30
C TYR A 146 -0.27 -7.65 -20.04
N THR A 147 -0.63 -7.29 -21.27
CA THR A 147 0.21 -6.46 -22.12
C THR A 147 -0.23 -5.01 -22.07
N ARG A 148 0.72 -4.11 -21.81
CA ARG A 148 0.43 -2.68 -21.73
C ARG A 148 0.47 -2.08 -23.13
N VAL A 149 -0.62 -1.44 -23.52
CA VAL A 149 -0.72 -0.83 -24.85
C VAL A 149 -0.12 0.58 -24.82
N GLY A 150 -0.47 1.35 -23.79
CA GLY A 150 0.01 2.71 -23.67
C GLY A 150 -0.90 3.48 -22.73
N GLU A 151 -0.77 4.80 -22.70
CA GLU A 151 -1.53 5.66 -21.81
C GLU A 151 -2.36 6.73 -22.49
N LEU A 152 -3.40 7.16 -21.80
CA LEU A 152 -4.24 8.27 -22.24
C LEU A 152 -4.09 9.29 -21.09
N PRO A 153 -3.50 10.47 -21.34
CA PRO A 153 -3.32 11.47 -20.28
C PRO A 153 -4.61 12.15 -19.83
N GLY A 154 -4.67 12.50 -18.54
CA GLY A 154 -5.85 13.16 -17.99
C GLY A 154 -7.14 12.40 -18.12
N TYR A 155 -7.05 11.07 -18.10
CA TYR A 155 -8.22 10.22 -18.27
C TYR A 155 -9.21 10.34 -17.12
N CYS A 156 -8.70 10.39 -15.91
CA CYS A 156 -9.56 10.53 -14.76
C CYS A 156 -8.79 11.11 -13.61
N ALA A 157 -9.49 11.28 -12.50
CA ALA A 157 -8.86 11.86 -11.34
C ALA A 157 -8.80 10.88 -10.18
N THR A 158 -7.78 11.06 -9.34
CA THR A 158 -7.66 10.26 -8.16
C THR A 158 -8.74 10.84 -7.25
N PRO A 159 -9.08 10.16 -6.15
CA PRO A 159 -10.13 10.67 -5.26
C PRO A 159 -9.91 12.10 -4.79
N ASP A 160 -8.65 12.52 -4.78
CA ASP A 160 -8.24 13.86 -4.35
C ASP A 160 -8.47 14.92 -5.43
N GLY A 161 -8.86 14.48 -6.62
CA GLY A 161 -9.12 15.41 -7.71
C GLY A 161 -7.99 15.66 -8.68
N ARG A 162 -6.84 15.03 -8.46
CA ARG A 162 -5.69 15.22 -9.36
C ARG A 162 -5.85 14.36 -10.61
N LEU A 163 -5.75 14.99 -11.78
CA LEU A 163 -5.86 14.22 -13.01
C LEU A 163 -4.61 13.40 -13.26
N HIS A 164 -4.79 12.22 -13.85
CA HIS A 164 -3.66 11.36 -14.15
C HIS A 164 -3.97 10.54 -15.38
N PRO A 165 -2.94 9.93 -15.97
CA PRO A 165 -3.13 9.10 -17.16
C PRO A 165 -3.68 7.74 -16.77
N THR A 166 -4.32 7.06 -17.72
CA THR A 166 -4.78 5.72 -17.43
C THR A 166 -3.95 4.85 -18.38
N ALA A 167 -3.57 3.66 -17.94
CA ALA A 167 -2.81 2.78 -18.81
C ALA A 167 -3.75 1.69 -19.32
N ILE A 168 -3.69 1.41 -20.61
CA ILE A 168 -4.54 0.38 -21.23
C ILE A 168 -3.78 -0.94 -21.28
N TYR A 169 -4.43 -2.02 -20.81
CA TYR A 169 -3.86 -3.38 -20.79
C TYR A 169 -4.80 -4.37 -21.43
N PHE A 170 -4.26 -5.46 -21.97
CA PHE A 170 -5.12 -6.49 -22.55
C PHE A 170 -4.41 -7.82 -22.42
N LYS A 171 -5.18 -8.88 -22.60
CA LYS A 171 -4.66 -10.23 -22.60
C LYS A 171 -5.48 -10.97 -23.63
N THR A 172 -4.81 -11.68 -24.53
CA THR A 172 -5.51 -12.47 -25.54
C THR A 172 -5.62 -13.88 -24.96
N LEU A 173 -6.84 -14.38 -24.89
CA LEU A 173 -7.08 -15.70 -24.34
C LEU A 173 -7.19 -16.69 -25.50
N HIS B 3 4.28 18.52 -4.64
CA HIS B 3 4.86 19.36 -3.55
C HIS B 3 5.09 18.49 -2.32
N ALA B 4 6.32 18.02 -2.17
CA ALA B 4 6.66 17.15 -1.04
C ALA B 4 6.99 18.01 0.18
N GLN B 5 6.48 17.60 1.34
CA GLN B 5 6.76 18.37 2.54
C GLN B 5 7.12 17.43 3.66
N LEU B 6 8.01 17.91 4.52
CA LEU B 6 8.42 17.16 5.71
C LEU B 6 7.43 17.55 6.79
N ARG B 7 6.74 16.57 7.36
CA ARG B 7 5.77 16.85 8.39
C ARG B 7 6.00 15.95 9.61
N ARG B 8 5.86 16.55 10.79
CA ARG B 8 5.93 15.80 12.04
C ARG B 8 4.48 15.30 12.22
N VAL B 9 4.32 13.99 12.34
CA VAL B 9 2.99 13.39 12.49
C VAL B 9 2.50 13.51 13.93
N THR B 10 1.24 13.88 14.11
CA THR B 10 0.69 14.01 15.45
C THR B 10 -0.35 12.93 15.64
N ALA B 11 -0.85 12.78 16.85
CA ALA B 11 -1.87 11.77 17.07
C ALA B 11 -3.09 12.09 16.21
N GLU B 12 -3.38 13.38 16.04
CA GLU B 12 -4.52 13.80 15.23
C GLU B 12 -4.34 13.63 13.73
N SER B 13 -3.12 13.80 13.23
CA SER B 13 -2.92 13.70 11.79
C SER B 13 -2.52 12.32 11.35
N PHE B 14 -2.29 11.42 12.31
CA PHE B 14 -1.84 10.07 11.99
C PHE B 14 -2.74 9.38 10.97
N ALA B 15 -4.04 9.43 11.22
CA ALA B 15 -5.02 8.77 10.34
C ALA B 15 -4.83 9.09 8.87
N HIS B 16 -4.41 10.32 8.59
CA HIS B 16 -4.22 10.79 7.22
C HIS B 16 -3.04 10.13 6.50
N TYR B 17 -2.07 9.66 7.27
CA TYR B 17 -0.84 9.09 6.71
C TYR B 17 -0.77 7.58 6.82
N ARG B 18 -1.72 7.02 7.56
CA ARG B 18 -1.76 5.58 7.79
C ARG B 18 -1.62 4.70 6.57
N HIS B 19 -2.39 4.96 5.51
CA HIS B 19 -2.30 4.13 4.30
C HIS B 19 -0.92 4.26 3.67
N GLY B 20 -0.44 5.50 3.56
CA GLY B 20 0.87 5.71 2.97
C GLY B 20 1.98 5.07 3.79
N LEU B 21 1.87 5.09 5.11
CA LEU B 21 2.91 4.48 5.97
C LEU B 21 2.95 2.96 5.82
N ALA B 22 1.79 2.33 5.73
CA ALA B 22 1.76 0.88 5.56
C ALA B 22 2.34 0.52 4.20
N GLN B 23 2.05 1.32 3.18
CA GLN B 23 2.58 1.06 1.85
C GLN B 23 4.09 1.24 1.81
N LEU B 24 4.58 2.26 2.50
CA LEU B 24 6.03 2.51 2.53
C LEU B 24 6.75 1.28 3.13
N LEU B 25 6.22 0.77 4.23
CA LEU B 25 6.79 -0.42 4.88
C LEU B 25 6.76 -1.59 3.90
N PHE B 26 5.59 -1.79 3.29
CA PHE B 26 5.41 -2.89 2.36
C PHE B 26 6.42 -2.81 1.22
N GLU B 27 6.51 -1.65 0.58
CA GLU B 27 7.44 -1.49 -0.52
C GLU B 27 8.89 -1.65 -0.08
N THR B 28 9.21 -1.19 1.12
CA THR B 28 10.59 -1.27 1.61
C THR B 28 10.99 -2.71 1.93
N VAL B 29 10.09 -3.46 2.55
CA VAL B 29 10.39 -4.85 2.90
C VAL B 29 10.48 -5.69 1.63
N HIS B 30 9.52 -5.50 0.72
CA HIS B 30 9.58 -6.31 -0.49
C HIS B 30 10.65 -5.86 -1.46
N GLY B 31 11.23 -4.69 -1.17
CA GLY B 31 12.32 -4.17 -1.97
C GLY B 31 13.61 -4.82 -1.45
N GLY B 32 13.49 -5.62 -0.39
CA GLY B 32 14.64 -6.33 0.14
C GLY B 32 15.33 -5.80 1.39
N ALA B 33 14.82 -4.72 1.97
CA ALA B 33 15.44 -4.18 3.17
C ALA B 33 15.06 -4.91 4.44
N SER B 34 15.99 -4.95 5.39
CA SER B 34 15.75 -5.57 6.69
C SER B 34 15.25 -4.48 7.64
N VAL B 35 13.94 -4.38 7.80
CA VAL B 35 13.36 -3.39 8.69
C VAL B 35 12.38 -4.01 9.66
N GLY B 36 12.69 -5.23 10.11
CA GLY B 36 11.86 -5.91 11.09
C GLY B 36 10.93 -7.00 10.60
N PHE B 37 10.75 -7.13 9.29
CA PHE B 37 9.81 -8.11 8.74
C PHE B 37 10.40 -9.06 7.71
N MSE B 38 9.64 -10.09 7.38
CA MSE B 38 10.08 -11.08 6.41
C MSE B 38 9.32 -10.96 5.10
O MSE B 38 8.32 -10.25 5.03
CB MSE B 38 9.86 -12.48 6.99
CG MSE B 38 10.54 -12.67 8.33
SE MSE B 38 12.44 -12.60 8.08
CE MSE B 38 12.78 -14.47 8.39
N ALA B 39 9.77 -11.67 4.09
CA ALA B 39 9.08 -11.60 2.79
C ALA B 39 7.64 -12.09 2.84
N ASP B 40 7.20 -12.62 3.98
CA ASP B 40 5.82 -13.08 4.12
C ASP B 40 4.94 -11.92 4.59
N LEU B 41 5.52 -10.71 4.55
CA LEU B 41 4.79 -9.52 4.98
C LEU B 41 3.60 -9.23 4.09
N ASP B 42 2.40 -9.18 4.68
CA ASP B 42 1.22 -8.82 3.91
C ASP B 42 0.74 -7.46 4.42
N MSE B 43 -0.25 -6.88 3.76
CA MSE B 43 -0.68 -5.56 4.21
C MSE B 43 -1.32 -5.58 5.58
O MSE B 43 -1.26 -4.60 6.32
CB MSE B 43 -1.62 -4.93 3.18
CG MSE B 43 -0.88 -4.38 1.97
SE MSE B 43 0.41 -2.97 2.48
CE MSE B 43 -0.82 -1.58 2.98
N GLN B 44 -1.93 -6.70 5.96
CA GLN B 44 -2.53 -6.76 7.28
C GLN B 44 -1.44 -6.52 8.35
N GLN B 45 -0.30 -7.16 8.17
CA GLN B 45 0.79 -7.01 9.14
C GLN B 45 1.35 -5.60 9.07
N ALA B 46 1.36 -5.01 7.87
CA ALA B 46 1.86 -3.64 7.73
C ALA B 46 0.94 -2.66 8.47
N TYR B 47 -0.37 -2.86 8.36
CA TYR B 47 -1.30 -1.99 9.06
C TYR B 47 -1.20 -2.20 10.55
N ALA B 48 -0.91 -3.43 10.97
CA ALA B 48 -0.76 -3.73 12.40
C ALA B 48 0.42 -2.91 12.95
N TRP B 49 1.49 -2.84 12.16
CA TRP B 49 2.68 -2.08 12.55
C TRP B 49 2.29 -0.61 12.68
N CYS B 50 1.60 -0.08 11.69
CA CYS B 50 1.15 1.31 11.73
C CYS B 50 0.35 1.61 12.97
N ASP B 51 -0.66 0.79 13.26
CA ASP B 51 -1.47 1.07 14.44
C ASP B 51 -0.65 1.01 15.73
N GLY B 52 0.43 0.24 15.71
CA GLY B 52 1.28 0.16 16.87
C GLY B 52 1.97 1.49 17.08
N LEU B 53 2.29 2.16 15.99
CA LEU B 53 2.96 3.47 16.07
C LEU B 53 2.07 4.49 16.77
N LYS B 54 0.79 4.50 16.38
CA LYS B 54 -0.18 5.43 16.94
C LYS B 54 -0.14 5.40 18.48
N ALA B 55 -0.11 4.20 19.04
CA ALA B 55 -0.07 4.05 20.48
C ALA B 55 1.16 4.71 21.10
N ASP B 56 2.33 4.47 20.50
CA ASP B 56 3.58 5.03 21.02
C ASP B 56 3.65 6.55 20.85
N ILE B 57 3.10 7.07 19.76
CA ILE B 57 3.08 8.50 19.56
C ILE B 57 2.19 9.11 20.65
N ALA B 58 1.00 8.54 20.81
CA ALA B 58 0.09 9.04 21.82
C ALA B 58 0.75 9.01 23.21
N ALA B 59 1.50 7.93 23.46
CA ALA B 59 2.18 7.75 24.75
C ALA B 59 3.36 8.69 24.93
N GLY B 60 3.70 9.43 23.88
CA GLY B 60 4.80 10.38 23.97
C GLY B 60 6.22 9.82 23.89
N SER B 61 6.37 8.54 23.65
CA SER B 61 7.71 7.95 23.61
C SER B 61 8.25 7.93 22.19
N LEU B 62 7.37 7.98 21.21
CA LEU B 62 7.78 7.93 19.81
C LEU B 62 7.47 9.20 19.05
N LEU B 63 8.46 9.70 18.29
CA LEU B 63 8.28 10.87 17.43
C LEU B 63 8.34 10.33 16.01
N LEU B 64 7.40 10.76 15.17
CA LEU B 64 7.31 10.25 13.80
C LEU B 64 7.22 11.36 12.78
N TRP B 65 7.95 11.24 11.67
CA TRP B 65 7.89 12.22 10.59
C TRP B 65 7.71 11.50 9.28
N VAL B 66 7.16 12.20 8.31
CA VAL B 66 7.03 11.65 6.98
C VAL B 66 7.39 12.77 6.01
N VAL B 67 7.71 12.38 4.79
CA VAL B 67 7.87 13.36 3.73
C VAL B 67 6.68 12.94 2.88
N ALA B 68 5.74 13.86 2.69
CA ALA B 68 4.56 13.50 1.94
C ALA B 68 4.14 14.55 0.92
N GLU B 69 3.40 14.07 -0.06
CA GLU B 69 2.80 14.90 -1.11
C GLU B 69 1.31 14.65 -0.78
N ASP B 70 0.74 15.52 0.06
CA ASP B 70 -0.63 15.36 0.53
C ASP B 70 -0.66 14.09 1.36
N ASP B 71 -1.33 13.05 0.88
CA ASP B 71 -1.39 11.79 1.64
C ASP B 71 -0.47 10.71 1.08
N ASN B 72 0.33 11.06 0.08
CA ASN B 72 1.27 10.11 -0.51
C ASN B 72 2.54 10.19 0.33
N VAL B 73 2.89 9.10 1.01
CA VAL B 73 4.06 9.11 1.88
C VAL B 73 5.28 8.61 1.12
N LEU B 74 6.23 9.52 0.88
CA LEU B 74 7.45 9.17 0.16
C LEU B 74 8.54 8.60 1.07
N ALA B 75 8.51 8.98 2.34
CA ALA B 75 9.55 8.52 3.24
C ALA B 75 9.09 8.76 4.66
N SER B 76 9.78 8.14 5.61
CA SER B 76 9.41 8.31 7.01
C SER B 76 10.60 8.03 7.90
N ALA B 77 10.57 8.55 9.12
CA ALA B 77 11.63 8.27 10.11
C ALA B 77 11.02 8.38 11.50
N GLN B 78 11.57 7.62 12.45
CA GLN B 78 11.08 7.61 13.82
C GLN B 78 12.20 7.82 14.81
N LEU B 79 11.85 8.41 15.93
CA LEU B 79 12.81 8.61 16.98
C LEU B 79 12.13 8.08 18.24
N SER B 80 12.71 7.03 18.82
CA SER B 80 12.17 6.44 20.05
C SER B 80 12.94 7.00 21.25
N LEU B 81 12.25 7.82 22.06
CA LEU B 81 12.85 8.43 23.23
C LEU B 81 12.95 7.45 24.38
N CYS B 82 14.15 7.27 24.94
CA CYS B 82 14.28 6.36 26.06
C CYS B 82 13.54 6.96 27.25
N GLN B 83 12.72 6.16 27.94
CA GLN B 83 11.99 6.65 29.10
C GLN B 83 12.52 6.13 30.45
N LYS B 84 13.59 5.35 30.41
CA LYS B 84 14.19 4.85 31.65
C LYS B 84 14.74 6.05 32.41
N PRO B 85 14.55 6.09 33.73
CA PRO B 85 15.05 7.21 34.54
C PRO B 85 16.50 7.60 34.31
N ASN B 86 17.36 6.61 34.03
CA ASN B 86 18.78 6.92 33.79
C ASN B 86 19.13 6.96 32.31
N GLY B 87 18.12 6.91 31.44
CA GLY B 87 18.40 6.92 30.01
C GLY B 87 17.86 8.11 29.26
N LEU B 88 17.53 9.18 29.99
CA LEU B 88 16.93 10.35 29.35
C LEU B 88 17.86 11.10 28.41
N ASN B 89 19.15 10.76 28.40
CA ASN B 89 20.08 11.43 27.48
C ASN B 89 20.00 10.80 26.09
N ARG B 90 19.38 9.64 25.95
CA ARG B 90 19.44 8.98 24.63
C ARG B 90 18.14 8.71 23.93
N ALA B 91 18.25 8.46 22.63
CA ALA B 91 17.07 8.14 21.84
C ALA B 91 17.55 7.26 20.71
N GLU B 92 16.67 6.36 20.26
CA GLU B 92 17.03 5.48 19.17
C GLU B 92 16.33 5.86 17.87
N VAL B 93 17.11 5.92 16.80
CA VAL B 93 16.55 6.24 15.48
C VAL B 93 16.11 4.92 14.88
N GLN B 94 14.90 4.87 14.33
CA GLN B 94 14.50 3.62 13.72
C GLN B 94 13.56 3.85 12.56
N LYS B 95 13.40 2.82 11.75
CA LYS B 95 12.48 2.87 10.64
C LYS B 95 12.64 4.04 9.67
N LEU B 96 13.88 4.40 9.35
CA LEU B 96 14.09 5.46 8.36
C LEU B 96 13.91 4.71 7.03
N MSE B 97 12.91 5.11 6.25
CA MSE B 97 12.62 4.43 5.00
C MSE B 97 12.19 5.42 3.94
O MSE B 97 11.42 6.35 4.21
CB MSE B 97 11.47 3.42 5.20
CG MSE B 97 11.73 2.41 6.29
SE MSE B 97 10.25 1.20 6.45
CE MSE B 97 8.94 2.40 7.19
N VAL B 98 12.66 5.20 2.73
CA VAL B 98 12.31 6.06 1.59
C VAL B 98 11.83 5.11 0.48
N LEU B 99 10.70 5.41 -0.15
CA LEU B 99 10.21 4.56 -1.23
C LEU B 99 11.34 4.37 -2.27
N PRO B 100 11.52 3.16 -2.83
CA PRO B 100 12.57 2.93 -3.82
C PRO B 100 12.56 3.97 -4.93
N SER B 101 11.38 4.35 -5.39
CA SER B 101 11.24 5.33 -6.46
C SER B 101 11.63 6.74 -6.04
N ALA B 102 11.75 6.95 -4.73
CA ALA B 102 12.06 8.29 -4.22
C ALA B 102 13.44 8.46 -3.64
N ARG B 103 14.26 7.43 -3.74
CA ARG B 103 15.61 7.48 -3.18
C ARG B 103 16.60 8.33 -3.96
N GLY B 104 17.67 8.74 -3.29
CA GLY B 104 18.68 9.54 -3.94
C GLY B 104 18.28 10.98 -4.26
N ARG B 105 17.26 11.48 -3.57
CA ARG B 105 16.75 12.84 -3.77
C ARG B 105 17.00 13.72 -2.56
N GLY B 106 17.66 13.18 -1.55
CA GLY B 106 17.95 13.96 -0.35
C GLY B 106 16.88 13.83 0.73
N LEU B 107 15.89 12.97 0.54
CA LEU B 107 14.81 12.86 1.54
C LEU B 107 15.30 12.27 2.85
N GLY B 108 16.15 11.25 2.78
CA GLY B 108 16.65 10.64 4.00
C GLY B 108 17.45 11.65 4.79
N ARG B 109 18.31 12.38 4.10
CA ARG B 109 19.10 13.40 4.79
C ARG B 109 18.21 14.51 5.41
N GLN B 110 17.16 14.92 4.70
CA GLN B 110 16.28 15.94 5.20
C GLN B 110 15.62 15.43 6.48
N LEU B 111 15.16 14.18 6.45
CA LEU B 111 14.52 13.59 7.63
C LEU B 111 15.49 13.55 8.81
N MSE B 112 16.69 13.04 8.58
CA MSE B 112 17.65 12.93 9.66
C MSE B 112 18.08 14.28 10.23
O MSE B 112 18.30 14.40 11.43
CB MSE B 112 18.86 12.10 9.21
CG MSE B 112 18.51 10.66 8.96
SE MSE B 112 17.75 9.74 10.51
CE MSE B 112 19.01 10.38 11.80
N ASP B 113 18.17 15.30 9.40
CA ASP B 113 18.54 16.61 9.91
C ASP B 113 17.48 17.10 10.88
N GLU B 114 16.21 16.85 10.55
CA GLU B 114 15.14 17.29 11.43
C GLU B 114 15.10 16.42 12.68
N VAL B 115 15.33 15.13 12.52
CA VAL B 115 15.31 14.25 13.68
C VAL B 115 16.35 14.72 14.68
N GLU B 116 17.52 15.11 14.20
CA GLU B 116 18.56 15.56 15.13
C GLU B 116 18.18 16.88 15.77
N GLN B 117 17.54 17.77 15.02
CA GLN B 117 17.18 19.06 15.62
C GLN B 117 16.16 18.89 16.73
N VAL B 118 15.16 18.03 16.49
CA VAL B 118 14.13 17.78 17.48
C VAL B 118 14.68 16.97 18.65
N ALA B 119 15.62 16.08 18.39
CA ALA B 119 16.20 15.30 19.49
C ALA B 119 16.88 16.28 20.47
N VAL B 120 17.56 17.30 19.93
CA VAL B 120 18.23 18.30 20.78
C VAL B 120 17.19 19.07 21.60
N LYS B 121 16.03 19.34 21.01
CA LYS B 121 14.97 20.05 21.72
C LYS B 121 14.41 19.21 22.86
N HIS B 122 14.55 17.88 22.74
CA HIS B 122 14.08 16.95 23.78
C HIS B 122 15.25 16.58 24.71
N LYS B 123 16.26 17.44 24.71
CA LYS B 123 17.45 17.29 25.54
C LYS B 123 18.12 15.93 25.43
N ARG B 124 18.25 15.41 24.22
CA ARG B 124 18.91 14.14 24.03
C ARG B 124 20.30 14.47 23.50
N GLY B 125 21.31 13.83 24.08
CA GLY B 125 22.67 14.10 23.64
C GLY B 125 23.22 12.95 22.84
N LEU B 126 22.52 11.82 22.86
CA LEU B 126 23.00 10.65 22.13
C LEU B 126 21.93 10.02 21.29
N LEU B 127 22.21 9.84 20.00
CA LEU B 127 21.29 9.11 19.11
C LEU B 127 22.02 7.83 18.73
N HIS B 128 21.30 6.71 18.69
CA HIS B 128 21.95 5.46 18.30
C HIS B 128 20.98 4.66 17.46
N LEU B 129 21.49 3.68 16.73
CA LEU B 129 20.65 2.87 15.88
C LEU B 129 21.44 1.67 15.42
N ASP B 130 20.75 0.77 14.74
CA ASP B 130 21.46 -0.36 14.16
C ASP B 130 20.78 -0.61 12.82
N THR B 131 21.57 -1.05 11.85
CA THR B 131 21.09 -1.29 10.51
C THR B 131 21.81 -2.50 9.92
N GLU B 132 21.16 -3.20 8.99
CA GLU B 132 21.78 -4.38 8.37
C GLU B 132 23.19 -4.07 7.86
N ALA B 133 24.17 -4.87 8.30
CA ALA B 133 25.54 -4.65 7.90
C ALA B 133 25.65 -4.83 6.38
N GLY B 134 26.35 -3.93 5.73
CA GLY B 134 26.51 -4.04 4.30
C GLY B 134 25.43 -3.38 3.46
N SER B 135 24.38 -2.90 4.10
CA SER B 135 23.29 -2.27 3.37
C SER B 135 23.66 -0.85 2.98
N VAL B 136 22.88 -0.26 2.07
CA VAL B 136 23.10 1.11 1.66
C VAL B 136 23.01 2.03 2.87
N ALA B 137 22.16 1.65 3.83
CA ALA B 137 21.98 2.48 5.02
C ALA B 137 23.32 2.71 5.72
N GLU B 138 24.26 1.76 5.65
CA GLU B 138 25.55 1.98 6.29
C GLU B 138 26.25 3.17 5.67
N ALA B 139 26.28 3.24 4.35
CA ALA B 139 26.96 4.36 3.72
C ALA B 139 26.22 5.65 4.03
N PHE B 140 24.89 5.58 4.07
CA PHE B 140 24.06 6.75 4.40
C PHE B 140 24.35 7.29 5.80
N TYR B 141 24.30 6.45 6.83
CA TYR B 141 24.57 6.99 8.15
C TYR B 141 26.02 7.43 8.28
N SER B 142 26.94 6.71 7.65
CA SER B 142 28.33 7.09 7.71
C SER B 142 28.51 8.47 7.08
N ALA B 143 27.81 8.71 5.97
CA ALA B 143 27.90 9.99 5.28
C ALA B 143 27.29 11.12 6.11
N LEU B 144 26.36 10.77 6.99
CA LEU B 144 25.73 11.78 7.86
C LEU B 144 26.49 11.96 9.17
N ALA B 145 27.72 11.46 9.18
CA ALA B 145 28.61 11.59 10.32
C ALA B 145 28.28 10.77 11.54
N TYR B 146 27.56 9.67 11.36
CA TYR B 146 27.30 8.77 12.49
C TYR B 146 28.53 7.90 12.61
N THR B 147 28.88 7.52 13.84
CA THR B 147 30.07 6.71 14.07
C THR B 147 29.69 5.24 14.20
N ARG B 148 30.44 4.38 13.52
CA ARG B 148 30.15 2.96 13.56
C ARG B 148 30.83 2.34 14.77
N VAL B 149 30.02 1.63 15.54
CA VAL B 149 30.58 0.99 16.73
C VAL B 149 31.13 -0.39 16.37
N GLY B 150 30.34 -1.13 15.61
CA GLY B 150 30.74 -2.48 15.24
C GLY B 150 29.51 -3.27 14.90
N GLU B 151 29.68 -4.58 14.73
CA GLU B 151 28.59 -5.49 14.35
C GLU B 151 28.19 -6.53 15.40
N LEU B 152 26.93 -6.98 15.32
CA LEU B 152 26.47 -8.08 16.17
C LEU B 152 26.12 -9.14 15.09
N PRO B 153 26.80 -10.28 15.09
CA PRO B 153 26.54 -11.34 14.10
C PRO B 153 25.21 -12.06 14.33
N GLY B 154 24.58 -12.47 13.23
CA GLY B 154 23.33 -13.20 13.29
C GLY B 154 22.22 -12.46 14.00
N TYR B 155 22.22 -11.14 13.89
CA TYR B 155 21.24 -10.31 14.57
C TYR B 155 19.85 -10.36 13.95
N CYS B 156 19.81 -10.18 12.63
CA CYS B 156 18.56 -10.11 11.89
C CYS B 156 18.57 -11.01 10.67
N ALA B 157 17.38 -11.46 10.28
CA ALA B 157 17.26 -12.29 9.10
C ALA B 157 16.76 -11.36 7.99
N THR B 158 17.35 -11.46 6.80
CA THR B 158 16.90 -10.64 5.68
C THR B 158 15.50 -11.18 5.34
N PRO B 159 14.69 -10.41 4.58
CA PRO B 159 13.34 -10.87 4.24
C PRO B 159 13.30 -12.28 3.66
N ASP B 160 14.32 -12.63 2.89
CA ASP B 160 14.41 -13.96 2.27
C ASP B 160 14.87 -15.04 3.27
N GLY B 161 15.09 -14.65 4.53
CA GLY B 161 15.48 -15.61 5.57
C GLY B 161 16.95 -15.77 5.93
N ARG B 162 17.86 -15.04 5.30
CA ARG B 162 19.27 -15.22 5.64
C ARG B 162 19.76 -14.38 6.81
N LEU B 163 20.36 -15.05 7.79
CA LEU B 163 20.88 -14.38 9.00
C LEU B 163 22.09 -13.51 8.69
N HIS B 164 22.00 -12.25 9.10
CA HIS B 164 23.06 -11.31 8.81
C HIS B 164 23.37 -10.50 10.05
N PRO B 165 24.54 -9.87 10.07
CA PRO B 165 24.93 -9.05 11.21
C PRO B 165 24.26 -7.70 11.11
N THR B 166 24.13 -7.03 12.24
CA THR B 166 23.59 -5.67 12.22
C THR B 166 24.77 -4.80 12.62
N ALA B 167 24.81 -3.56 12.11
CA ALA B 167 25.86 -2.62 12.45
C ALA B 167 25.26 -1.56 13.36
N ILE B 168 25.94 -1.26 14.46
CA ILE B 168 25.50 -0.27 15.44
C ILE B 168 26.22 1.06 15.19
N TYR B 169 25.45 2.14 15.14
CA TYR B 169 25.95 3.48 14.91
C TYR B 169 25.42 4.44 15.97
N PHE B 170 26.16 5.53 16.21
CA PHE B 170 25.67 6.55 17.16
C PHE B 170 26.17 7.93 16.71
N LYS B 171 25.55 8.96 17.26
CA LYS B 171 26.02 10.31 17.01
C LYS B 171 25.77 11.09 18.27
N THR B 172 26.80 11.80 18.71
CA THR B 172 26.66 12.63 19.90
C THR B 172 26.23 14.00 19.42
N LEU B 173 25.09 14.47 19.92
CA LEU B 173 24.53 15.75 19.51
C LEU B 173 25.05 16.94 20.28
N1A ACO C . 4.14 -3.96 -6.09
C2A ACO C . 4.59 -4.79 -7.10
N3A ACO C . 3.98 -5.90 -7.55
C4A ACO C . 2.78 -6.11 -6.85
C5A ACO C . 2.21 -5.34 -5.83
C6A ACO C . 2.95 -4.20 -5.42
N6A ACO C . 2.59 -3.43 -4.38
N7A ACO C . 0.97 -5.84 -5.41
C8A ACO C . 0.85 -6.95 -6.17
N9A ACO C . 1.91 -7.18 -7.05
C1B ACO C . 2.02 -8.26 -8.04
C2B ACO C . 3.06 -9.32 -7.61
O2B ACO C . 3.75 -9.83 -8.30
C3B ACO C . 2.25 -10.49 -7.04
O3B ACO C . 2.50 -11.91 -7.39
P3B ACO C . 3.77 -12.46 -6.50
O7A ACO C . 4.56 -11.68 -5.49
O8A ACO C . 3.85 -13.94 -6.42
O9A ACO C . 2.65 -12.40 -5.39
C4B ACO C . 0.90 -10.36 -7.67
O4B ACO C . 0.78 -9.00 -8.24
C5B ACO C . -0.44 -10.68 -7.57
O5B ACO C . -0.68 -9.96 -6.26
P1A ACO C . -1.84 -10.36 -5.28
O1A ACO C . -2.97 -11.08 -5.90
O2A ACO C . -1.53 -10.35 -3.86
O3A ACO C . -2.32 -8.90 -5.09
P2A ACO C . -3.49 -8.19 -4.24
O4A ACO C . -4.56 -9.11 -3.84
O5A ACO C . -2.87 -7.47 -3.18
O6A ACO C . -4.26 -7.35 -5.34
CBP ACO C . -4.90 -5.19 -6.35
CCP ACO C . -3.66 -6.23 -5.96
CDP ACO C . -6.27 -5.88 -6.60
CEP ACO C . -4.05 -4.59 -7.72
CAP ACO C . -4.99 -4.36 -5.04
OAP ACO C . -3.73 -3.66 -4.72
C9P ACO C . -5.99 -3.23 -5.00
O9P ACO C . -7.22 -3.51 -4.45
N8P ACO C . -5.62 -2.01 -5.52
C7P ACO C . -6.72 -0.89 -5.44
C6P ACO C . -7.81 -1.02 -6.45
C5P ACO C . -7.36 -0.99 -7.88
O5P ACO C . -6.47 -0.10 -8.14
N4P ACO C . -7.83 -1.87 -8.72
C3P ACO C . -7.42 -1.76 -10.16
C2P ACO C . -8.69 -1.40 -10.96
S1P ACO C . -8.24 -1.39 -12.66
C ACO C . -9.37 -2.53 -13.47
O ACO C . -10.18 -3.67 -13.00
CH3 ACO C . -8.81 -2.93 -14.92
N1A ACO D . 24.95 4.41 -1.91
C2A ACO D . 25.80 5.06 -1.11
N3A ACO D . 25.60 6.15 -0.40
C4A ACO D . 24.32 6.56 -0.57
C5A ACO D . 23.31 5.98 -1.37
C6A ACO D . 23.65 4.85 -2.09
N6A ACO D . 22.85 4.25 -3.00
N7A ACO D . 22.11 6.63 -1.27
C8A ACO D . 22.43 7.62 -0.37
N9A ACO D . 23.76 7.65 0.09
C1B ACO D . 24.33 8.57 0.93
C2B ACO D . 25.06 9.68 0.20
O2B ACO D . 26.35 10.40 0.63
C3B ACO D . 24.11 10.87 0.17
O3B ACO D . 24.57 12.19 0.15
P3B ACO D . 24.16 13.37 -0.72
O7A ACO D . 22.93 13.86 -0.03
O8A ACO D . 25.40 14.32 -0.81
O9A ACO D . 23.61 12.76 -2.08
C4B ACO D . 23.31 10.75 1.37
O4B ACO D . 23.38 9.26 1.76
C5B ACO D . 22.02 11.16 1.95
O5B ACO D . 21.24 10.57 0.72
P1A ACO D . 19.72 10.88 0.47
O1A ACO D . 19.03 11.55 1.61
O2A ACO D . 19.23 10.84 -0.94
O3A ACO D . 19.26 9.40 0.59
P2A ACO D . 17.87 8.56 0.50
O4A ACO D . 16.69 9.44 0.70
O5A ACO D . 17.72 7.55 -0.48
O6A ACO D . 17.71 7.59 1.86
CBP ACO D . 17.99 5.30 2.81
CCP ACO D . 18.76 6.56 2.33
CDP ACO D . 16.96 5.87 3.77
CEP ACO D . 18.87 4.39 3.70
CAP ACO D . 17.26 4.56 1.65
OAP ACO D . 18.24 3.92 0.75
C9P ACO D . 16.35 3.41 2.12
O9P ACO D . 15.12 3.74 2.38
N8P ACO D . 16.93 2.22 2.27
C7P ACO D . 15.95 1.10 2.72
C6P ACO D . 15.53 1.24 4.16
C5P ACO D . 16.63 1.24 5.21
O5P ACO D . 17.57 0.43 5.01
N4P ACO D . 16.64 2.10 6.22
C3P ACO D . 17.69 1.94 7.27
C2P ACO D . 16.91 1.50 8.52
S1P ACO D . 18.05 1.33 9.86
C ACO D . 17.80 1.95 11.19
O ACO D . 17.17 3.37 11.27
CH3 ACO D . 17.06 1.54 12.36
#